data_4X6J
#
_entry.id   4X6J
#
_cell.length_a   47.219
_cell.length_b   44.403
_cell.length_c   51.354
_cell.angle_alpha   90.000
_cell.angle_beta   116.420
_cell.angle_gamma   90.000
#
_symmetry.space_group_name_H-M   'P 1 21 1'
#
loop_
_entity.id
_entity.type
_entity.pdbx_description
1 polymer 'Cathepsin K'
2 non-polymer GLYCEROL
3 non-polymer 'CHLORIDE ION'
4 non-polymer 'POTASSIUM ION'
5 non-polymer S-1,2-PROPANEDIOL
6 non-polymer 2-amino-4-chloro-N-(1-{[(2E)-2-iminoethyl]carbamoyl}cyclohexyl)benzamide
7 water water
#
_entity_poly.entity_id   1
_entity_poly.type   'polypeptide(L)'
_entity_poly.pdbx_seq_one_letter_code
;APDSVDYRKKGYVTPVKNQGQCGSCWAFSSVGALEGQLKKKTGKLLNLSPQNLVDCVSENDGCGGGYMTNAFQYVQKNRG
IDSEDAYPYVGQEESCMYNPTGKAAKCRGYREIPEGNEKALKRAVARVGPVSVAIDASLTSFQFYSKGVYYDESCNSDNL
NHAVLAVGYGIQKGNKHWIIKNSWGENWGNKGYILMARNKNNACGIANLASFPKM
;
_entity_poly.pdbx_strand_id   A
#
# COMPACT_ATOMS: atom_id res chain seq x y z
N ALA A 1 -16.13 6.27 13.85
CA ALA A 1 -14.97 6.82 13.07
C ALA A 1 -15.32 8.18 12.50
N PRO A 2 -14.32 9.07 12.39
CA PRO A 2 -14.54 10.37 11.74
C PRO A 2 -15.08 10.32 10.30
N ASP A 3 -15.66 11.43 9.88
CA ASP A 3 -16.25 11.50 8.55
C ASP A 3 -15.18 11.47 7.49
N SER A 4 -14.05 12.13 7.79
CA SER A 4 -12.90 12.14 6.87
CA SER A 4 -12.91 12.24 6.86
C SER A 4 -11.55 12.12 7.58
N VAL A 5 -10.59 11.46 6.95
CA VAL A 5 -9.22 11.47 7.47
C VAL A 5 -8.21 11.29 6.34
N ASP A 6 -7.10 11.98 6.50
CA ASP A 6 -6.07 12.07 5.45
C ASP A 6 -4.72 11.99 6.19
N TYR A 7 -4.11 10.79 6.21
CA TYR A 7 -2.82 10.56 6.89
C TYR A 7 -1.64 11.25 6.25
N ARG A 8 -1.78 11.74 5.02
CA ARG A 8 -0.73 12.54 4.43
C ARG A 8 -0.55 13.84 5.21
N LYS A 9 -1.65 14.35 5.75
CA LYS A 9 -1.65 15.56 6.54
C LYS A 9 -1.00 15.34 7.91
N LYS A 10 -1.01 14.10 8.38
CA LYS A 10 -0.40 13.80 9.66
CA LYS A 10 -0.41 13.73 9.66
C LYS A 10 1.07 13.30 9.55
N GLY A 11 1.65 13.30 8.35
CA GLY A 11 3.06 12.98 8.15
C GLY A 11 3.33 11.49 8.14
N TYR A 12 2.27 10.70 7.87
CA TYR A 12 2.42 9.24 7.86
C TYR A 12 2.82 8.63 6.51
N VAL A 13 2.89 9.45 5.47
CA VAL A 13 2.95 8.95 4.09
C VAL A 13 4.17 9.55 3.39
N THR A 14 5.00 8.68 2.85
CA THR A 14 6.19 9.10 2.12
C THR A 14 5.82 9.51 0.70
N PRO A 15 6.79 10.06 -0.04
CA PRO A 15 6.42 10.44 -1.44
C PRO A 15 6.03 9.22 -2.29
N VAL A 16 5.31 9.50 -3.36
CA VAL A 16 4.88 8.47 -4.29
C VAL A 16 6.08 7.89 -4.99
N LYS A 17 6.10 6.55 -5.06
CA LYS A 17 7.15 5.84 -5.70
C LYS A 17 6.77 5.31 -7.08
N ASN A 18 7.74 4.82 -7.83
CA ASN A 18 7.44 4.27 -9.15
C ASN A 18 8.04 2.85 -9.20
N GLN A 19 7.20 1.82 -9.19
CA GLN A 19 7.71 0.43 -9.25
C GLN A 19 8.37 0.07 -10.59
N GLY A 20 8.11 0.88 -11.62
CA GLY A 20 8.66 0.61 -12.95
C GLY A 20 8.01 -0.65 -13.57
N GLN A 21 8.82 -1.40 -14.32
CA GLN A 21 8.30 -2.60 -15.02
C GLN A 21 8.10 -3.88 -14.14
N CYS A 22 8.69 -3.88 -12.96
CA CYS A 22 8.58 -4.99 -12.06
C CYS A 22 7.20 -5.03 -11.39
N GLY A 23 6.61 -6.22 -11.29
CA GLY A 23 5.31 -6.47 -10.64
C GLY A 23 5.40 -6.56 -9.13
N SER A 24 6.00 -5.53 -8.57
N SER A 24 6.02 -5.52 -8.57
CA SER A 24 6.25 -5.43 -7.14
CA SER A 24 6.28 -5.40 -7.13
C SER A 24 5.27 -4.51 -6.39
C SER A 24 5.29 -4.49 -6.41
N CYS A 25 4.08 -4.34 -6.92
CA CYS A 25 3.07 -3.47 -6.25
C CYS A 25 2.87 -3.89 -4.78
N TRP A 26 2.83 -5.20 -4.57
CA TRP A 26 2.71 -5.78 -3.20
C TRP A 26 3.79 -5.30 -2.26
N ALA A 27 5.01 -5.11 -2.75
CA ALA A 27 6.17 -4.69 -1.92
C ALA A 27 5.95 -3.20 -1.60
N PHE A 28 5.57 -2.37 -2.58
CA PHE A 28 5.28 -0.97 -2.30
C PHE A 28 4.10 -0.78 -1.34
N SER A 29 3.02 -1.51 -1.56
CA SER A 29 1.89 -1.46 -0.68
C SER A 29 2.30 -1.76 0.76
N SER A 30 3.06 -2.86 0.87
CA SER A 30 3.58 -3.34 2.19
C SER A 30 4.40 -2.26 2.83
N VAL A 31 5.35 -1.70 2.09
CA VAL A 31 6.23 -0.72 2.76
CA VAL A 31 6.24 -0.71 2.64
C VAL A 31 5.44 0.52 3.12
N GLY A 32 4.47 0.91 2.31
CA GLY A 32 3.66 2.08 2.65
C GLY A 32 2.96 1.88 4.02
N ALA A 33 2.41 0.66 4.21
CA ALA A 33 1.67 0.40 5.47
C ALA A 33 2.66 0.37 6.64
N LEU A 34 3.85 -0.20 6.37
CA LEU A 34 4.91 -0.22 7.43
C LEU A 34 5.40 1.17 7.74
N GLU A 35 5.50 2.03 6.70
CA GLU A 35 5.93 3.45 6.89
C GLU A 35 4.92 4.19 7.75
N GLY A 36 3.65 3.92 7.60
CA GLY A 36 2.63 4.60 8.43
C GLY A 36 2.81 4.24 9.88
N GLN A 37 2.94 2.95 10.13
CA GLN A 37 3.05 2.42 11.50
C GLN A 37 4.33 2.92 12.17
N LEU A 38 5.39 3.03 11.39
CA LEU A 38 6.69 3.57 11.89
C LEU A 38 6.46 4.96 12.41
N LYS A 39 5.80 5.84 11.61
CA LYS A 39 5.57 7.20 11.97
C LYS A 39 4.71 7.30 13.25
N LYS A 40 3.68 6.46 13.30
CA LYS A 40 2.77 6.49 14.39
C LYS A 40 3.50 6.07 15.69
N LYS A 41 4.38 5.08 15.58
CA LYS A 41 5.10 4.53 16.75
C LYS A 41 6.26 5.41 17.22
N THR A 42 7.08 5.90 16.29
CA THR A 42 8.33 6.56 16.65
C THR A 42 8.29 8.06 16.47
N GLY A 43 7.26 8.59 15.78
CA GLY A 43 7.23 9.96 15.33
C GLY A 43 8.12 10.32 14.13
N LYS A 44 8.83 9.34 13.53
CA LYS A 44 9.74 9.62 12.43
C LYS A 44 9.26 8.82 11.24
N LEU A 45 9.31 9.46 10.11
CA LEU A 45 8.95 8.82 8.83
C LEU A 45 10.25 8.62 8.09
N LEU A 46 10.37 7.48 7.40
N LEU A 46 10.32 7.51 7.35
CA LEU A 46 11.52 7.18 6.55
CA LEU A 46 11.48 7.16 6.57
C LEU A 46 11.01 6.29 5.43
C LEU A 46 10.99 6.29 5.42
N ASN A 47 11.61 6.40 4.25
CA ASN A 47 11.32 5.42 3.16
C ASN A 47 11.84 4.04 3.50
N LEU A 48 10.98 3.01 3.44
CA LEU A 48 11.48 1.65 3.72
C LEU A 48 11.73 0.91 2.42
N SER A 49 12.40 -0.24 2.51
CA SER A 49 12.90 -0.88 1.27
C SER A 49 11.90 -1.83 0.60
N PRO A 50 11.30 -1.49 -0.50
CA PRO A 50 10.51 -2.48 -1.24
C PRO A 50 11.44 -3.57 -1.83
N GLN A 51 12.67 -3.23 -2.19
CA GLN A 51 13.63 -4.23 -2.81
C GLN A 51 13.94 -5.31 -1.82
N ASN A 52 14.09 -4.94 -0.54
CA ASN A 52 14.29 -5.91 0.51
C ASN A 52 13.21 -6.99 0.44
N LEU A 53 11.98 -6.57 0.26
CA LEU A 53 10.86 -7.45 0.17
C LEU A 53 10.91 -8.31 -1.09
N VAL A 54 11.13 -7.66 -2.24
CA VAL A 54 11.10 -8.34 -3.54
C VAL A 54 12.17 -9.43 -3.55
N ASP A 55 13.33 -9.13 -3.04
CA ASP A 55 14.44 -10.12 -2.99
C ASP A 55 14.36 -11.22 -1.94
N CYS A 56 13.74 -10.93 -0.79
CA CYS A 56 13.93 -11.81 0.40
C CYS A 56 12.67 -12.53 0.81
N VAL A 57 11.48 -12.12 0.33
CA VAL A 57 10.21 -12.75 0.78
C VAL A 57 10.03 -13.97 -0.10
N SER A 58 10.52 -15.11 0.38
CA SER A 58 10.59 -16.30 -0.48
CA SER A 58 10.60 -16.35 -0.41
C SER A 58 9.25 -16.89 -0.86
N GLU A 59 8.22 -16.66 -0.04
CA GLU A 59 6.89 -17.19 -0.34
C GLU A 59 6.16 -16.33 -1.39
N ASN A 60 6.74 -15.19 -1.76
CA ASN A 60 6.23 -14.38 -2.90
C ASN A 60 7.07 -14.68 -4.14
N ASP A 61 6.70 -14.11 -5.28
CA ASP A 61 7.37 -14.34 -6.56
C ASP A 61 8.02 -13.10 -7.14
N GLY A 62 8.58 -12.26 -6.26
CA GLY A 62 9.38 -11.14 -6.70
C GLY A 62 8.63 -10.17 -7.59
N CYS A 63 9.20 -9.93 -8.76
CA CYS A 63 8.55 -9.12 -9.78
C CYS A 63 7.36 -9.84 -10.44
N GLY A 64 7.21 -11.15 -10.21
CA GLY A 64 6.00 -11.82 -10.67
C GLY A 64 4.77 -11.55 -9.83
N GLY A 65 4.90 -10.98 -8.62
CA GLY A 65 3.76 -10.79 -7.76
C GLY A 65 3.94 -11.34 -6.34
N GLY A 66 3.01 -10.98 -5.47
CA GLY A 66 3.09 -11.38 -4.06
C GLY A 66 1.92 -10.91 -3.29
N TYR A 67 1.87 -11.34 -2.03
CA TYR A 67 0.86 -10.96 -1.07
C TYR A 67 1.55 -10.03 -0.05
N MET A 68 0.82 -9.00 0.38
CA MET A 68 1.31 -8.14 1.49
C MET A 68 1.48 -8.88 2.81
N THR A 69 0.55 -9.80 3.12
CA THR A 69 0.63 -10.50 4.39
C THR A 69 1.93 -11.31 4.45
N ASN A 70 2.32 -11.98 3.37
CA ASN A 70 3.62 -12.68 3.31
C ASN A 70 4.76 -11.72 3.60
N ALA A 71 4.70 -10.47 3.07
CA ALA A 71 5.74 -9.48 3.37
C ALA A 71 5.77 -9.10 4.87
N PHE A 72 4.60 -8.91 5.50
CA PHE A 72 4.59 -8.54 6.92
C PHE A 72 5.17 -9.68 7.77
N GLN A 73 4.75 -10.88 7.43
CA GLN A 73 5.25 -12.05 8.15
C GLN A 73 6.76 -12.16 8.03
N TYR A 74 7.27 -11.92 6.85
CA TYR A 74 8.72 -11.87 6.59
C TYR A 74 9.36 -10.84 7.52
N VAL A 75 8.81 -9.65 7.64
CA VAL A 75 9.51 -8.59 8.37
C VAL A 75 9.58 -9.01 9.87
N GLN A 76 8.45 -9.56 10.34
CA GLN A 76 8.27 -10.08 11.69
C GLN A 76 9.32 -11.15 11.97
N LYS A 77 9.37 -12.17 11.12
CA LYS A 77 10.29 -13.29 11.39
C LYS A 77 11.79 -12.91 11.19
N ASN A 78 12.03 -12.00 10.25
CA ASN A 78 13.34 -11.49 9.98
C ASN A 78 13.92 -10.53 11.05
N ARG A 79 13.07 -10.08 11.96
CA ARG A 79 13.44 -9.06 12.92
C ARG A 79 13.87 -7.76 12.26
N GLY A 80 13.32 -7.43 11.07
CA GLY A 80 13.56 -6.09 10.57
C GLY A 80 13.29 -6.00 9.08
N ILE A 81 13.21 -4.76 8.64
CA ILE A 81 13.26 -4.39 7.22
C ILE A 81 14.19 -3.19 7.11
N ASP A 82 15.02 -3.26 6.07
CA ASP A 82 15.90 -2.11 5.74
C ASP A 82 15.20 -0.86 5.23
N SER A 83 15.88 0.28 5.43
CA SER A 83 15.51 1.52 4.78
C SER A 83 15.82 1.43 3.32
N GLU A 84 15.10 2.25 2.55
CA GLU A 84 15.35 2.42 1.16
C GLU A 84 16.82 2.86 0.95
N ASP A 85 17.31 3.73 1.81
CA ASP A 85 18.68 4.19 1.70
CA ASP A 85 18.71 4.22 1.81
C ASP A 85 19.68 3.05 1.81
N ALA A 86 19.48 2.15 2.76
CA ALA A 86 20.32 0.95 3.02
C ALA A 86 20.15 -0.17 1.95
N TYR A 87 19.04 -0.14 1.20
CA TYR A 87 18.71 -1.23 0.31
C TYR A 87 17.81 -0.67 -0.82
N PRO A 88 18.45 -0.07 -1.82
CA PRO A 88 17.72 0.71 -2.80
CA PRO A 88 17.71 0.71 -2.79
C PRO A 88 16.98 -0.10 -3.84
N TYR A 89 15.98 0.54 -4.46
CA TYR A 89 15.09 -0.15 -5.37
C TYR A 89 15.80 -0.25 -6.71
N VAL A 90 15.83 -1.43 -7.27
CA VAL A 90 16.37 -1.64 -8.61
C VAL A 90 15.43 -2.23 -9.60
N GLY A 91 14.29 -2.76 -9.16
CA GLY A 91 13.20 -3.16 -10.05
C GLY A 91 13.40 -4.47 -10.80
N GLN A 92 14.20 -5.36 -10.22
CA GLN A 92 14.29 -6.76 -10.61
C GLN A 92 14.66 -7.58 -9.41
N GLU A 93 14.24 -8.82 -9.45
CA GLU A 93 14.35 -9.69 -8.32
C GLU A 93 15.80 -10.22 -8.28
N GLU A 94 16.53 -9.83 -7.23
CA GLU A 94 17.92 -10.22 -7.02
C GLU A 94 18.06 -11.01 -5.76
N SER A 95 19.31 -11.40 -5.49
CA SER A 95 19.65 -12.11 -4.27
CA SER A 95 19.58 -12.16 -4.28
C SER A 95 19.31 -11.29 -3.03
N CYS A 96 18.96 -11.94 -1.95
CA CYS A 96 18.65 -11.18 -0.71
C CYS A 96 19.93 -10.59 -0.12
N MET A 97 19.89 -9.28 0.15
CA MET A 97 21.04 -8.48 0.62
CA MET A 97 21.06 -8.59 0.70
C MET A 97 20.67 -7.81 1.94
N TYR A 98 19.74 -8.38 2.73
CA TYR A 98 19.31 -7.79 3.95
C TYR A 98 20.48 -7.64 4.91
N ASN A 99 20.60 -6.46 5.52
CA ASN A 99 21.58 -6.22 6.58
C ASN A 99 20.88 -5.80 7.83
N PRO A 100 20.97 -6.57 8.89
CA PRO A 100 20.23 -6.30 10.10
C PRO A 100 20.62 -4.91 10.65
N THR A 101 21.89 -4.50 10.50
CA THR A 101 22.29 -3.22 11.08
C THR A 101 21.79 -2.03 10.34
N GLY A 102 21.27 -2.21 9.12
CA GLY A 102 20.50 -1.15 8.40
C GLY A 102 18.97 -1.17 8.60
N LYS A 103 18.47 -1.92 9.59
CA LYS A 103 17.02 -2.03 9.79
C LYS A 103 16.46 -0.67 10.17
N ALA A 104 15.31 -0.34 9.63
CA ALA A 104 14.64 0.91 9.96
C ALA A 104 13.24 0.69 10.62
N ALA A 105 12.75 -0.55 10.66
CA ALA A 105 11.41 -0.87 11.20
C ALA A 105 11.38 -2.36 11.51
N LYS A 106 10.44 -2.70 12.37
CA LYS A 106 10.14 -4.09 12.68
C LYS A 106 8.59 -4.26 12.56
N CYS A 107 8.13 -5.47 12.77
CA CYS A 107 6.74 -5.80 12.65
C CYS A 107 6.44 -6.91 13.69
N ARG A 108 5.32 -6.83 14.43
CA ARG A 108 4.95 -7.88 15.39
CA ARG A 108 4.96 -7.92 15.35
C ARG A 108 3.75 -8.74 14.87
N GLY A 109 3.53 -8.72 13.55
CA GLY A 109 2.49 -9.42 12.85
C GLY A 109 1.59 -8.50 12.07
N TYR A 110 0.35 -8.95 11.86
CA TYR A 110 -0.54 -8.24 10.94
C TYR A 110 -1.99 -8.60 11.23
N ARG A 111 -2.90 -7.74 10.77
CA ARG A 111 -4.36 -8.02 10.94
C ARG A 111 -5.00 -7.83 9.57
N GLU A 112 -5.98 -8.67 9.23
CA GLU A 112 -6.72 -8.59 7.98
C GLU A 112 -8.11 -7.99 8.21
N ILE A 113 -8.59 -7.15 7.27
CA ILE A 113 -9.94 -6.55 7.40
C ILE A 113 -10.94 -7.61 6.92
N PRO A 114 -12.06 -7.77 7.66
CA PRO A 114 -13.09 -8.70 7.16
C PRO A 114 -13.43 -8.46 5.69
N GLU A 115 -13.39 -9.54 4.90
CA GLU A 115 -13.57 -9.48 3.45
C GLU A 115 -14.86 -8.75 3.02
N GLY A 116 -14.71 -7.72 2.19
CA GLY A 116 -15.83 -7.00 1.58
C GLY A 116 -16.36 -5.89 2.45
N ASN A 117 -15.85 -5.77 3.68
CA ASN A 117 -16.46 -4.88 4.64
C ASN A 117 -15.85 -3.50 4.63
N GLU A 118 -16.51 -2.55 3.93
CA GLU A 118 -15.95 -1.23 3.80
C GLU A 118 -16.08 -0.42 5.07
N LYS A 119 -17.09 -0.77 5.91
CA LYS A 119 -17.21 -0.10 7.20
C LYS A 119 -16.04 -0.45 8.15
N ALA A 120 -15.64 -1.73 8.15
CA ALA A 120 -14.47 -2.19 8.88
C ALA A 120 -13.16 -1.62 8.32
N LEU A 121 -13.10 -1.51 7.00
CA LEU A 121 -11.94 -0.82 6.36
C LEU A 121 -11.86 0.64 6.81
N LYS A 122 -13.01 1.34 6.85
CA LYS A 122 -13.04 2.67 7.30
C LYS A 122 -12.54 2.76 8.74
N ARG A 123 -13.08 1.91 9.62
CA ARG A 123 -12.64 1.89 11.00
C ARG A 123 -11.13 1.59 11.09
N ALA A 124 -10.63 0.62 10.35
CA ALA A 124 -9.16 0.35 10.33
C ALA A 124 -8.34 1.56 9.93
N VAL A 125 -8.73 2.22 8.84
CA VAL A 125 -8.01 3.41 8.44
C VAL A 125 -8.02 4.48 9.51
N ALA A 126 -9.21 4.74 10.08
CA ALA A 126 -9.34 5.73 11.12
C ALA A 126 -8.47 5.43 12.34
N ARG A 127 -8.39 4.19 12.77
CA ARG A 127 -7.76 3.88 14.04
C ARG A 127 -6.27 3.47 13.94
N VAL A 128 -5.85 3.04 12.74
CA VAL A 128 -4.52 2.41 12.53
C VAL A 128 -3.63 3.39 11.82
N GLY A 129 -4.14 3.91 10.69
CA GLY A 129 -3.29 4.55 9.71
C GLY A 129 -3.52 3.95 8.33
N PRO A 130 -2.57 4.19 7.42
CA PRO A 130 -2.68 3.61 6.06
C PRO A 130 -2.76 2.06 6.08
N VAL A 131 -3.66 1.56 5.23
CA VAL A 131 -3.90 0.10 5.14
C VAL A 131 -3.62 -0.40 3.74
N SER A 132 -2.94 -1.52 3.61
CA SER A 132 -2.72 -2.12 2.30
C SER A 132 -4.00 -2.69 1.74
N VAL A 133 -4.21 -2.51 0.46
CA VAL A 133 -5.42 -3.02 -0.18
C VAL A 133 -5.05 -3.53 -1.58
N ALA A 134 -5.86 -4.46 -2.06
CA ALA A 134 -5.78 -4.86 -3.39
C ALA A 134 -7.06 -4.54 -4.19
N ILE A 135 -6.83 -4.33 -5.47
CA ILE A 135 -7.91 -3.88 -6.34
C ILE A 135 -7.83 -4.50 -7.72
N ASP A 136 -8.91 -4.36 -8.51
CA ASP A 136 -8.83 -4.54 -9.95
C ASP A 136 -8.40 -3.21 -10.56
N ALA A 137 -7.20 -3.18 -11.10
CA ALA A 137 -6.65 -2.02 -11.74
C ALA A 137 -6.45 -2.20 -13.28
N SER A 138 -7.17 -3.20 -13.81
CA SER A 138 -7.04 -3.63 -15.20
C SER A 138 -7.72 -2.74 -16.21
N LEU A 139 -8.63 -1.87 -15.79
CA LEU A 139 -9.45 -1.12 -16.76
C LEU A 139 -8.69 0.09 -17.27
N THR A 140 -8.81 0.37 -18.57
CA THR A 140 -8.36 1.64 -19.10
C THR A 140 -8.81 2.87 -18.34
N SER A 141 -10.02 2.80 -17.78
CA SER A 141 -10.57 4.01 -17.10
C SER A 141 -9.79 4.27 -15.81
N PHE A 142 -9.35 3.19 -15.17
CA PHE A 142 -8.43 3.35 -13.99
C PHE A 142 -7.06 3.83 -14.43
N GLN A 143 -6.52 3.20 -15.46
CA GLN A 143 -5.17 3.54 -15.83
CA GLN A 143 -5.19 3.53 -15.98
C GLN A 143 -5.06 5.01 -16.26
N PHE A 144 -6.09 5.54 -16.80
CA PHE A 144 -6.05 6.92 -17.25
C PHE A 144 -6.83 7.85 -16.37
N TYR A 145 -7.10 7.44 -15.12
CA TYR A 145 -7.62 8.40 -14.12
C TYR A 145 -6.86 9.74 -14.01
N SER A 146 -7.60 10.86 -13.95
CA SER A 146 -6.93 12.10 -13.66
C SER A 146 -7.61 12.90 -12.52
N LYS A 147 -8.93 12.83 -12.39
CA LYS A 147 -9.66 13.65 -11.41
C LYS A 147 -10.96 13.05 -10.96
N GLY A 148 -11.44 13.51 -9.80
CA GLY A 148 -12.73 13.10 -9.31
C GLY A 148 -12.72 11.83 -8.55
N VAL A 149 -13.90 11.29 -8.29
CA VAL A 149 -14.05 10.01 -7.61
C VAL A 149 -14.30 8.94 -8.67
N TYR A 150 -13.33 8.03 -8.77
CA TYR A 150 -13.35 6.96 -9.74
C TYR A 150 -14.39 5.87 -9.41
N TYR A 151 -15.22 5.56 -10.38
CA TYR A 151 -16.21 4.50 -10.29
C TYR A 151 -16.45 4.02 -11.69
N ASP A 152 -16.27 2.73 -11.91
CA ASP A 152 -16.61 2.09 -13.15
C ASP A 152 -17.21 0.74 -12.89
N GLU A 153 -18.44 0.55 -13.35
CA GLU A 153 -19.17 -0.67 -13.04
C GLU A 153 -18.56 -1.92 -13.65
N SER A 154 -17.71 -1.77 -14.68
CA SER A 154 -17.09 -2.93 -15.27
CA SER A 154 -17.03 -2.87 -15.33
C SER A 154 -15.89 -3.44 -14.46
N CYS A 155 -15.48 -2.71 -13.41
CA CYS A 155 -14.42 -3.21 -12.45
C CYS A 155 -14.88 -4.52 -11.82
N ASN A 156 -14.02 -5.52 -11.73
CA ASN A 156 -14.43 -6.79 -11.20
C ASN A 156 -13.81 -6.97 -9.82
N SER A 157 -14.65 -6.84 -8.80
CA SER A 157 -14.18 -6.89 -7.40
C SER A 157 -13.70 -8.25 -7.06
N ASP A 158 -13.92 -9.23 -7.94
CA ASP A 158 -13.38 -10.54 -7.69
C ASP A 158 -12.09 -10.79 -8.50
N ASN A 159 -11.66 -9.81 -9.30
CA ASN A 159 -10.46 -9.92 -10.10
C ASN A 159 -9.33 -8.98 -9.57
N LEU A 160 -8.80 -9.33 -8.41
CA LEU A 160 -7.75 -8.53 -7.81
C LEU A 160 -6.46 -8.76 -8.57
N ASN A 161 -5.81 -7.70 -8.98
CA ASN A 161 -4.55 -7.84 -9.74
C ASN A 161 -3.52 -6.74 -9.39
N HIS A 162 -3.87 -5.85 -8.45
CA HIS A 162 -2.94 -4.77 -8.12
C HIS A 162 -3.05 -4.46 -6.62
N ALA A 163 -1.96 -4.03 -6.01
CA ALA A 163 -1.95 -3.63 -4.62
C ALA A 163 -1.55 -2.18 -4.50
N VAL A 164 -2.25 -1.46 -3.62
CA VAL A 164 -2.09 -0.02 -3.42
C VAL A 164 -2.25 0.27 -1.95
N LEU A 165 -2.27 1.51 -1.55
CA LEU A 165 -2.31 1.81 -0.12
C LEU A 165 -3.45 2.81 0.17
N ALA A 166 -4.38 2.46 1.05
CA ALA A 166 -5.40 3.43 1.46
C ALA A 166 -4.88 4.31 2.54
N VAL A 167 -4.71 5.60 2.27
CA VAL A 167 -4.13 6.56 3.21
C VAL A 167 -5.18 7.50 3.87
N GLY A 168 -6.41 7.31 3.49
CA GLY A 168 -7.52 8.11 4.05
C GLY A 168 -8.81 7.78 3.36
N TYR A 169 -9.81 8.57 3.72
CA TYR A 169 -11.09 8.50 3.09
C TYR A 169 -11.83 9.86 3.32
N GLY A 170 -12.86 10.12 2.53
CA GLY A 170 -13.58 11.41 2.58
C GLY A 170 -14.78 11.42 1.71
N ILE A 171 -15.15 12.61 1.25
CA ILE A 171 -16.29 12.72 0.37
C ILE A 171 -16.03 13.91 -0.53
N GLN A 172 -16.35 13.75 -1.81
CA GLN A 172 -16.15 14.84 -2.81
C GLN A 172 -17.46 14.97 -3.60
N LYS A 173 -17.96 16.20 -3.60
N LYS A 173 -18.18 16.08 -3.42
CA LYS A 173 -19.38 16.45 -3.62
CA LYS A 173 -19.44 16.28 -4.13
C LYS A 173 -19.93 15.71 -2.42
C LYS A 173 -20.44 15.11 -3.99
N GLY A 174 -20.68 14.69 -2.75
CA GLY A 174 -21.51 13.63 -2.24
C GLY A 174 -21.05 12.27 -2.67
N ASN A 175 -19.82 12.16 -3.19
CA ASN A 175 -19.32 10.89 -3.68
C ASN A 175 -18.29 10.56 -2.61
N LYS A 176 -18.62 9.58 -1.80
CA LYS A 176 -17.70 9.19 -0.73
C LYS A 176 -16.52 8.51 -1.41
N HIS A 177 -15.34 8.70 -0.86
CA HIS A 177 -14.15 8.10 -1.50
C HIS A 177 -13.18 7.51 -0.47
N TRP A 178 -12.28 6.69 -1.03
CA TRP A 178 -10.98 6.28 -0.46
C TRP A 178 -9.83 7.01 -1.16
N ILE A 179 -8.88 7.46 -0.36
CA ILE A 179 -7.68 8.15 -0.82
C ILE A 179 -6.64 7.08 -0.98
N ILE A 180 -6.28 6.84 -2.22
CA ILE A 180 -5.39 5.72 -2.60
C ILE A 180 -4.09 6.22 -3.20
N LYS A 181 -3.00 5.82 -2.56
CA LYS A 181 -1.61 5.95 -3.04
C LYS A 181 -1.26 4.83 -3.93
N ASN A 182 -0.96 5.10 -5.21
CA ASN A 182 -0.46 4.09 -6.10
C ASN A 182 1.08 4.16 -6.10
N SER A 183 1.71 3.23 -6.86
CA SER A 183 3.12 3.10 -7.01
C SER A 183 3.53 3.11 -8.49
N TRP A 184 2.89 4.02 -9.23
CA TRP A 184 3.09 4.15 -10.67
C TRP A 184 3.70 5.51 -10.93
N GLY A 185 4.36 6.06 -9.89
CA GLY A 185 4.97 7.40 -9.99
C GLY A 185 4.02 8.58 -9.93
N GLU A 186 4.64 9.76 -9.82
CA GLU A 186 3.92 11.01 -9.62
CA GLU A 186 3.93 11.01 -9.61
C GLU A 186 3.24 11.52 -10.87
N ASN A 187 3.59 10.97 -12.03
CA ASN A 187 2.97 11.37 -13.28
C ASN A 187 1.83 10.45 -13.65
N TRP A 188 1.42 9.56 -12.72
CA TRP A 188 0.25 8.77 -12.88
C TRP A 188 -0.88 9.45 -12.11
N GLY A 189 -2.10 9.31 -12.57
CA GLY A 189 -3.32 9.78 -11.86
C GLY A 189 -3.19 11.25 -11.45
N ASN A 190 -3.55 11.57 -10.20
CA ASN A 190 -3.47 12.95 -9.70
C ASN A 190 -2.22 12.97 -8.76
N LYS A 191 -1.05 13.29 -9.32
CA LYS A 191 0.22 13.29 -8.61
C LYS A 191 0.47 11.96 -7.90
N GLY A 192 0.04 10.90 -8.56
CA GLY A 192 0.28 9.54 -8.04
C GLY A 192 -0.85 8.95 -7.23
N TYR A 193 -1.89 9.71 -6.98
CA TYR A 193 -3.04 9.31 -6.13
C TYR A 193 -4.29 9.14 -7.00
N ILE A 194 -5.22 8.33 -6.48
CA ILE A 194 -6.54 8.19 -7.06
C ILE A 194 -7.56 8.25 -5.91
N LEU A 195 -8.64 8.97 -6.11
CA LEU A 195 -9.86 8.84 -5.23
C LEU A 195 -10.74 7.75 -5.77
N MET A 196 -10.97 6.72 -5.00
CA MET A 196 -11.77 5.58 -5.44
C MET A 196 -13.08 5.53 -4.69
N ALA A 197 -14.15 5.14 -5.38
CA ALA A 197 -15.53 5.14 -4.77
C ALA A 197 -15.60 4.34 -3.51
N ARG A 198 -16.18 4.93 -2.45
CA ARG A 198 -16.32 4.27 -1.16
C ARG A 198 -17.83 4.04 -0.96
N ASN A 199 -18.15 2.86 -0.45
CA ASN A 199 -19.53 2.48 -0.14
C ASN A 199 -20.40 2.35 -1.39
N LYS A 200 -19.76 2.05 -2.52
CA LYS A 200 -20.46 1.66 -3.73
C LYS A 200 -20.28 0.20 -3.99
N ASN A 201 -20.80 -0.60 -3.07
CA ASN A 201 -20.71 -2.02 -3.24
C ASN A 201 -19.29 -2.52 -3.53
N ASN A 202 -18.35 -2.07 -2.71
CA ASN A 202 -17.01 -2.62 -2.71
C ASN A 202 -16.38 -2.52 -4.08
N ALA A 203 -16.40 -1.30 -4.56
CA ALA A 203 -16.09 -1.08 -5.95
C ALA A 203 -14.58 -1.44 -6.17
N CYS A 204 -14.31 -2.19 -7.22
CA CYS A 204 -12.97 -2.63 -7.60
C CYS A 204 -12.36 -3.61 -6.58
N GLY A 205 -13.13 -4.00 -5.57
CA GLY A 205 -12.65 -5.05 -4.66
C GLY A 205 -11.84 -4.41 -3.56
N ILE A 206 -12.04 -3.11 -3.35
CA ILE A 206 -11.22 -2.33 -2.45
C ILE A 206 -11.04 -2.96 -1.02
N ALA A 207 -12.12 -3.54 -0.50
CA ALA A 207 -12.12 -4.18 0.85
C ALA A 207 -12.00 -5.69 0.86
N ASN A 208 -11.68 -6.28 -0.28
CA ASN A 208 -11.52 -7.77 -0.36
C ASN A 208 -10.22 -8.40 0.14
N LEU A 209 -9.11 -7.62 0.14
CA LEU A 209 -7.85 -8.16 0.57
C LEU A 209 -7.05 -7.07 1.24
N ALA A 210 -7.64 -6.48 2.28
CA ALA A 210 -7.02 -5.42 3.02
C ALA A 210 -6.33 -5.98 4.30
N SER A 211 -5.16 -5.39 4.64
CA SER A 211 -4.42 -5.78 5.80
C SER A 211 -3.49 -4.64 6.25
N PHE A 212 -3.01 -4.72 7.49
CA PHE A 212 -2.07 -3.76 7.97
C PHE A 212 -1.14 -4.48 8.97
N PRO A 213 0.07 -3.99 9.10
CA PRO A 213 1.03 -4.53 10.03
C PRO A 213 0.85 -3.93 11.38
N LYS A 214 1.21 -4.72 12.36
CA LYS A 214 1.27 -4.27 13.77
C LYS A 214 2.75 -3.97 14.12
N MET A 215 2.99 -2.87 14.84
CA MET A 215 4.36 -2.55 15.31
C MET A 215 4.49 -2.37 16.82
#